data_2HYQ
#
_entry.id   2HYQ
#
_cell.length_a   139.380
_cell.length_b   34.230
_cell.length_c   55.110
_cell.angle_alpha   90.00
_cell.angle_beta   110.50
_cell.angle_gamma   90.00
#
_symmetry.space_group_name_H-M   'C 1 2 1'
#
loop_
_entity.id
_entity.type
_entity.pdbx_description
1 polymer Griffithsin
2 branched alpha-D-mannopyranose-(1-6)-alpha-D-mannopyranose
3 non-polymer 'SULFATE ION'
4 water water
#
_entity_poly.entity_id   1
_entity_poly.type   'polypeptide(L)'
_entity_poly.pdbx_seq_one_letter_code
;(ACE)SLTHRKFGGSGGSPFSGLSSIAVRSGSYLDAIIIDGVHHGGSGGNLSPTFTFGSGEYISNMTIRSGDYIDNISFE
TNMGRRFGPYGGSGGSANTLSNVKVIQINGSAGDYLDSLDIYYEQY
;
_entity_poly.pdbx_strand_id   A,B
#
# COMPACT_ATOMS: atom_id res chain seq x y z
N SER A 2 13.02 -0.60 -9.65
CA SER A 2 12.57 0.61 -10.38
C SER A 2 11.47 1.49 -9.82
N LEU A 3 11.53 2.05 -8.60
CA LEU A 3 10.30 2.78 -8.19
C LEU A 3 9.98 4.02 -9.03
N THR A 4 8.83 3.94 -9.69
CA THR A 4 8.29 5.01 -10.55
C THR A 4 6.77 5.11 -10.28
N HIS A 5 6.12 6.14 -10.81
CA HIS A 5 4.67 6.13 -10.69
C HIS A 5 4.07 6.77 -11.92
N ARG A 6 2.81 6.55 -12.12
CA ARG A 6 2.13 7.24 -13.17
C ARG A 6 0.69 7.54 -12.68
N LYS A 7 0.18 8.71 -13.08
CA LYS A 7 -1.13 9.24 -12.72
C LYS A 7 -2.06 9.03 -13.88
N PHE A 8 -3.29 8.55 -13.65
CA PHE A 8 -4.28 8.39 -14.73
C PHE A 8 -5.55 9.16 -14.35
N GLY A 9 -6.28 9.71 -15.30
CA GLY A 9 -7.48 10.46 -14.95
C GLY A 9 -7.32 11.96 -14.79
N GLY A 10 -8.30 12.60 -14.17
CA GLY A 10 -8.39 14.09 -14.21
C GLY A 10 -7.99 14.74 -12.90
N SER A 11 -8.37 15.99 -12.71
CA SER A 11 -7.88 16.78 -11.56
C SER A 11 -8.74 16.82 -10.32
N GLY A 12 -10.00 16.40 -10.41
CA GLY A 12 -10.91 16.53 -9.31
C GLY A 12 -10.74 15.52 -8.22
N GLY A 13 -11.65 15.60 -7.26
CA GLY A 13 -11.67 14.77 -6.09
C GLY A 13 -10.64 15.16 -5.07
N SER A 14 -10.64 14.42 -3.97
CA SER A 14 -9.60 14.57 -2.92
C SER A 14 -8.68 13.37 -2.83
N PRO A 15 -7.38 13.60 -2.52
CA PRO A 15 -6.45 12.46 -2.52
C PRO A 15 -6.75 11.39 -1.52
N PHE A 16 -6.31 10.17 -1.83
CA PHE A 16 -6.32 9.13 -0.86
C PHE A 16 -5.06 8.32 -0.98
N SER A 17 -4.69 7.65 0.07
CA SER A 17 -3.58 6.72 -0.01
C SER A 17 -4.02 5.28 0.22
N GLY A 18 -3.36 4.35 -0.45
CA GLY A 18 -3.55 2.92 -0.19
C GLY A 18 -3.17 2.44 1.21
N LEU A 19 -2.21 3.11 1.87
CA LEU A 19 -1.74 2.70 3.18
C LEU A 19 -2.58 3.44 4.24
N SER A 20 -3.59 2.78 4.84
CA SER A 20 -4.51 3.52 5.69
C SER A 20 -4.32 3.27 7.19
N SER A 21 -3.71 2.14 7.60
CA SER A 21 -3.54 1.94 9.04
C SER A 21 -2.46 0.99 9.38
N ILE A 22 -1.97 1.07 10.63
CA ILE A 22 -0.81 0.26 11.04
C ILE A 22 -0.91 -0.07 12.53
N ALA A 23 -0.63 -1.32 12.91
CA ALA A 23 -0.39 -1.79 14.31
C ALA A 23 0.76 -2.81 14.24
N VAL A 24 1.37 -3.12 15.39
CA VAL A 24 2.41 -4.12 15.49
C VAL A 24 2.11 -5.01 16.65
N ARG A 25 2.63 -6.23 16.63
CA ARG A 25 2.79 -6.97 17.90
C ARG A 25 4.31 -6.95 18.18
N SER A 26 4.69 -6.78 19.45
CA SER A 26 6.04 -6.45 19.81
C SER A 26 6.35 -6.94 21.22
N GLY A 27 7.58 -7.34 21.42
CA GLY A 27 8.12 -7.72 22.75
C GLY A 27 9.54 -7.19 22.73
N SER A 28 10.54 -8.08 22.72
CA SER A 28 11.93 -7.70 22.45
C SER A 28 12.17 -7.38 20.96
N TYR A 29 11.32 -7.89 20.10
CA TYR A 29 11.35 -7.56 18.69
C TYR A 29 9.97 -7.30 18.23
N LEU A 30 9.85 -6.96 16.95
CA LEU A 30 8.57 -7.02 16.30
C LEU A 30 8.17 -8.47 15.98
N ASP A 31 7.05 -8.91 16.57
CA ASP A 31 6.46 -10.23 16.25
C ASP A 31 5.63 -10.15 14.99
N ALA A 32 4.94 -9.01 14.80
CA ALA A 32 4.06 -8.87 13.64
C ALA A 32 3.87 -7.44 13.24
N ILE A 33 3.47 -7.22 11.97
CA ILE A 33 2.99 -5.93 11.60
C ILE A 33 1.56 -6.14 11.01
N ILE A 34 0.65 -5.22 11.28
CA ILE A 34 -0.68 -5.37 10.81
C ILE A 34 -0.88 -4.15 9.98
N ILE A 35 -1.09 -4.38 8.66
CA ILE A 35 -1.19 -3.31 7.67
C ILE A 35 -2.56 -3.27 7.05
N ASP A 36 -3.22 -2.13 7.13
CA ASP A 36 -4.63 -2.06 6.70
C ASP A 36 -5.41 -3.27 7.25
N GLY A 37 -5.06 -3.72 8.47
CA GLY A 37 -5.89 -4.73 9.11
C GLY A 37 -5.49 -6.15 8.72
N VAL A 38 -4.53 -6.34 7.83
CA VAL A 38 -3.97 -7.68 7.58
C VAL A 38 -2.72 -7.98 8.39
N HIS A 39 -2.76 -9.10 9.12
CA HIS A 39 -1.69 -9.57 10.01
C HIS A 39 -0.51 -10.28 9.34
N HIS A 40 0.73 -9.79 9.59
CA HIS A 40 1.93 -10.51 9.11
C HIS A 40 2.94 -10.74 10.20
N GLY A 41 3.18 -12.00 10.55
CA GLY A 41 4.11 -12.35 11.64
C GLY A 41 3.48 -13.33 12.60
N GLY A 42 4.06 -13.50 13.78
CA GLY A 42 3.62 -14.51 14.73
C GLY A 42 2.60 -13.93 15.70
N SER A 43 2.35 -14.67 16.78
CA SER A 43 1.40 -14.32 17.84
C SER A 43 2.09 -13.87 19.08
N GLY A 44 3.41 -13.73 19.06
CA GLY A 44 4.08 -13.38 20.29
C GLY A 44 3.96 -11.90 20.52
N GLY A 45 4.51 -11.43 21.64
CA GLY A 45 4.41 -10.06 22.06
C GLY A 45 2.99 -9.59 22.33
N ASN A 46 2.86 -8.26 22.41
CA ASN A 46 1.61 -7.61 22.74
C ASN A 46 1.18 -6.76 21.59
N LEU A 47 -0.11 -6.79 21.30
CA LEU A 47 -0.70 -5.99 20.24
C LEU A 47 -0.84 -4.50 20.60
N SER A 48 -0.32 -3.61 19.77
CA SER A 48 -0.36 -2.18 19.94
C SER A 48 -1.70 -1.63 19.49
N PRO A 49 -2.05 -0.40 19.93
CA PRO A 49 -3.11 0.33 19.26
C PRO A 49 -2.88 0.43 17.72
N THR A 50 -3.97 0.50 16.97
CA THR A 50 -3.93 0.71 15.51
C THR A 50 -3.86 2.22 15.24
N PHE A 51 -2.86 2.62 14.45
CA PHE A 51 -2.71 3.97 14.01
C PHE A 51 -3.37 4.10 12.66
N THR A 52 -4.36 4.98 12.55
CA THR A 52 -5.11 5.11 11.29
C THR A 52 -4.83 6.49 10.71
N PHE A 53 -4.37 6.55 9.46
CA PHE A 53 -3.93 7.86 8.91
C PHE A 53 -5.10 8.69 8.60
N GLY A 54 -5.02 9.98 8.93
CA GLY A 54 -6.14 10.88 8.66
C GLY A 54 -6.10 11.18 7.18
N SER A 55 -7.06 11.97 6.66
CA SER A 55 -6.92 12.47 5.28
C SER A 55 -5.71 13.42 5.20
N GLY A 56 -4.94 13.23 4.14
CA GLY A 56 -3.67 13.94 3.88
C GLY A 56 -2.52 13.72 4.86
N GLU A 57 -2.64 12.70 5.72
CA GLU A 57 -1.61 12.41 6.74
C GLU A 57 -0.72 11.27 6.26
N TYR A 58 0.61 11.40 6.39
CA TYR A 58 1.50 10.34 5.94
C TYR A 58 2.69 10.32 6.91
N ILE A 59 3.46 9.24 6.89
CA ILE A 59 4.68 9.10 7.72
C ILE A 59 5.77 9.95 7.07
N SER A 60 6.30 10.94 7.83
CA SER A 60 7.36 11.85 7.36
C SER A 60 8.75 11.59 7.94
N ASN A 61 8.78 10.84 9.05
CA ASN A 61 9.97 10.60 9.84
C ASN A 61 9.81 9.17 10.37
N MET A 62 10.86 8.36 10.35
CA MET A 62 10.68 6.94 10.74
C MET A 62 11.95 6.35 11.32
N THR A 63 11.87 5.61 12.42
CA THR A 63 13.09 4.94 12.93
C THR A 63 12.95 3.44 13.10
N ILE A 64 13.85 2.67 12.48
CA ILE A 64 13.86 1.21 12.59
C ILE A 64 15.19 0.69 13.18
N ARG A 65 15.10 -0.13 14.22
CA ARG A 65 16.21 -0.94 14.68
C ARG A 65 16.12 -2.31 14.02
N SER A 66 17.23 -2.88 13.58
CA SER A 66 17.20 -4.09 12.76
C SER A 66 18.57 -4.84 12.86
N GLY A 67 18.48 -6.16 13.01
CA GLY A 67 19.57 -7.08 12.79
C GLY A 67 19.07 -8.16 11.83
N ASP A 68 18.97 -9.37 12.30
CA ASP A 68 18.32 -10.43 11.55
C ASP A 68 16.82 -10.27 11.44
N TYR A 69 16.23 -9.52 12.38
CA TYR A 69 14.81 -9.19 12.40
C TYR A 69 14.63 -7.68 12.50
N ILE A 70 13.38 -7.23 12.48
CA ILE A 70 13.06 -5.87 12.90
C ILE A 70 12.97 -5.86 14.41
N ASP A 71 13.83 -5.07 15.06
CA ASP A 71 13.87 -5.05 16.51
C ASP A 71 12.95 -4.05 17.10
N ASN A 72 12.80 -2.93 16.42
CA ASN A 72 12.02 -1.83 16.93
C ASN A 72 11.59 -0.97 15.75
N ILE A 73 10.43 -0.31 15.91
CA ILE A 73 9.98 0.73 14.98
C ILE A 73 9.25 1.89 15.71
N SER A 74 9.50 3.12 15.25
CA SER A 74 8.66 4.21 15.60
C SER A 74 8.56 5.09 14.36
N PHE A 75 7.50 5.89 14.30
CA PHE A 75 7.42 6.85 13.25
C PHE A 75 6.68 8.09 13.73
N GLU A 76 6.75 9.16 12.92
CA GLU A 76 5.98 10.38 13.14
C GLU A 76 5.34 10.75 11.80
N THR A 77 4.25 11.49 11.83
CA THR A 77 3.49 11.86 10.63
C THR A 77 3.59 13.35 10.35
N ASN A 78 3.22 13.80 9.16
CA ASN A 78 3.30 15.22 8.83
C ASN A 78 2.42 16.05 9.73
N MET A 79 1.57 15.41 10.52
CA MET A 79 0.73 16.17 11.44
C MET A 79 1.13 16.07 12.89
N GLY A 80 2.37 15.68 13.12
CA GLY A 80 2.94 15.65 14.46
C GLY A 80 2.43 14.54 15.34
N ARG A 81 1.79 13.54 14.73
CA ARG A 81 1.27 12.35 15.45
C ARG A 81 2.36 11.24 15.47
N ARG A 82 2.55 10.56 16.61
CA ARG A 82 3.63 9.61 16.83
C ARG A 82 3.13 8.16 17.05
N PHE A 83 3.89 7.18 16.56
CA PHE A 83 3.56 5.78 16.80
C PHE A 83 4.82 5.17 17.34
N GLY A 84 4.73 4.55 18.50
CA GLY A 84 5.88 3.87 19.09
C GLY A 84 6.77 4.79 19.86
N PRO A 85 8.06 4.40 20.08
CA PRO A 85 8.71 3.14 19.63
C PRO A 85 8.10 1.87 20.18
N TYR A 86 8.06 0.82 19.36
CA TYR A 86 7.64 -0.46 19.90
C TYR A 86 8.79 -1.43 19.61
N GLY A 87 9.10 -2.29 20.60
CA GLY A 87 10.02 -3.45 20.38
C GLY A 87 11.19 -3.38 21.35
N GLY A 88 12.34 -3.96 20.97
CA GLY A 88 13.50 -4.05 21.92
C GLY A 88 14.62 -3.12 21.50
N SER A 89 15.81 -3.32 22.09
CA SER A 89 17.02 -2.48 21.82
C SER A 89 18.10 -3.16 20.93
N GLY A 90 17.92 -4.44 20.57
CA GLY A 90 18.85 -5.16 19.69
C GLY A 90 18.96 -4.43 18.36
N GLY A 91 19.66 -5.02 17.40
CA GLY A 91 19.73 -4.40 16.04
C GLY A 91 20.54 -3.13 16.06
N SER A 92 20.57 -2.41 14.93
CA SER A 92 21.20 -1.08 14.80
C SER A 92 20.14 -0.10 14.30
N ALA A 93 20.14 1.14 14.76
CA ALA A 93 19.15 2.11 14.26
C ALA A 93 19.39 2.66 12.82
N ASN A 94 18.33 2.70 12.02
CA ASN A 94 18.30 3.45 10.77
C ASN A 94 17.17 4.48 10.83
N THR A 95 17.34 5.68 10.30
CA THR A 95 16.26 6.68 10.35
C THR A 95 15.92 7.23 8.98
N LEU A 96 14.63 7.36 8.64
CA LEU A 96 14.27 8.08 7.41
C LEU A 96 13.77 9.44 7.83
N SER A 97 14.38 10.51 7.28
CA SER A 97 13.96 11.89 7.64
C SER A 97 13.47 12.66 6.40
N ASN A 98 12.36 13.40 6.54
CA ASN A 98 11.80 14.22 5.45
C ASN A 98 11.42 13.33 4.31
N VAL A 99 10.47 12.44 4.57
CA VAL A 99 10.09 11.51 3.56
C VAL A 99 8.59 11.58 3.50
N LYS A 100 8.02 10.95 2.49
CA LYS A 100 6.63 10.57 2.54
C LYS A 100 6.58 9.05 2.29
N VAL A 101 6.30 8.23 3.29
CA VAL A 101 6.17 6.78 3.04
C VAL A 101 4.93 6.48 2.17
N ILE A 102 5.16 5.74 1.07
CA ILE A 102 4.16 5.32 0.11
C ILE A 102 3.58 3.92 0.39
N GLN A 103 4.44 2.96 0.78
CA GLN A 103 3.99 1.60 0.99
C GLN A 103 4.95 0.92 1.95
N ILE A 104 4.47 -0.07 2.70
CA ILE A 104 5.32 -0.86 3.57
C ILE A 104 5.10 -2.35 3.18
N ASN A 105 6.13 -2.96 2.61
CA ASN A 105 6.07 -4.40 2.35
C ASN A 105 7.03 -5.02 3.35
N GLY A 106 7.34 -6.28 3.22
CA GLY A 106 8.30 -6.88 4.14
C GLY A 106 8.25 -8.38 4.00
N SER A 107 8.84 -9.06 4.98
CA SER A 107 8.80 -10.50 5.11
C SER A 107 8.64 -10.89 6.57
N ALA A 108 7.87 -11.95 6.83
CA ALA A 108 7.54 -12.28 8.23
C ALA A 108 7.38 -13.79 8.43
N GLY A 109 8.05 -14.32 9.46
CA GLY A 109 7.82 -15.71 9.91
C GLY A 109 7.05 -15.76 11.21
N ASP A 110 7.68 -16.24 12.26
CA ASP A 110 7.16 -16.12 13.62
C ASP A 110 7.43 -14.72 14.04
N TYR A 111 8.40 -14.08 13.39
CA TYR A 111 8.71 -12.68 13.68
C TYR A 111 8.70 -11.84 12.42
N LEU A 112 8.80 -10.54 12.62
CA LEU A 112 8.85 -9.64 11.53
C LEU A 112 10.31 -9.68 11.13
N ASP A 113 10.63 -10.45 10.08
CA ASP A 113 12.01 -10.53 9.57
C ASP A 113 12.48 -9.24 8.95
N SER A 114 11.67 -8.69 8.06
CA SER A 114 12.11 -7.51 7.38
C SER A 114 10.99 -6.61 6.91
N LEU A 115 11.38 -5.40 6.53
CA LEU A 115 10.48 -4.36 6.07
C LEU A 115 11.11 -3.70 4.86
N ASP A 116 10.32 -3.51 3.82
CA ASP A 116 10.73 -2.79 2.61
C ASP A 116 9.87 -1.56 2.57
N ILE A 117 10.45 -0.39 2.75
CA ILE A 117 9.68 0.83 2.83
C ILE A 117 9.85 1.54 1.49
N TYR A 118 8.76 1.87 0.81
CA TYR A 118 8.88 2.59 -0.41
C TYR A 118 8.46 4.00 -0.05
N TYR A 119 9.15 5.02 -0.55
CA TYR A 119 8.88 6.37 -0.10
C TYR A 119 9.44 7.39 -1.02
N GLU A 120 9.04 8.65 -0.80
CA GLU A 120 9.64 9.76 -1.50
C GLU A 120 10.56 10.46 -0.56
N GLN A 121 11.76 10.82 -1.07
CA GLN A 121 12.78 11.55 -0.34
C GLN A 121 12.75 13.06 -0.67
N TYR A 122 12.57 13.91 0.34
CA TYR A 122 12.64 15.36 0.12
C TYR A 122 13.94 15.87 0.64
N SER B 2 11.76 12.35 -4.49
CA SER B 2 12.57 11.38 -5.21
C SER B 2 12.24 9.95 -4.70
N LEU B 3 11.65 9.14 -5.59
CA LEU B 3 11.07 7.85 -5.26
C LEU B 3 12.13 6.81 -4.99
N THR B 4 12.03 6.18 -3.84
CA THR B 4 13.04 5.24 -3.43
C THR B 4 12.50 4.03 -2.63
N HIS B 5 13.32 3.01 -2.52
CA HIS B 5 13.04 1.96 -1.56
C HIS B 5 14.21 1.36 -0.86
N ARG B 6 13.97 1.03 0.40
CA ARG B 6 14.95 0.40 1.27
C ARG B 6 14.37 -0.75 2.09
N LYS B 7 15.14 -1.83 2.13
CA LYS B 7 14.88 -3.03 2.95
C LYS B 7 15.74 -2.99 4.19
N PHE B 8 15.11 -3.22 5.36
CA PHE B 8 15.73 -3.35 6.70
C PHE B 8 15.48 -4.73 7.27
N GLY B 9 16.47 -5.34 7.95
CA GLY B 9 16.30 -6.61 8.69
C GLY B 9 16.90 -7.76 7.92
N GLY B 10 16.46 -8.99 8.19
CA GLY B 10 17.10 -10.23 7.70
C GLY B 10 16.46 -10.86 6.49
N SER B 11 16.80 -12.11 6.13
CA SER B 11 16.24 -12.62 4.86
C SER B 11 15.21 -13.76 4.99
N GLY B 12 14.92 -14.15 6.23
CA GLY B 12 13.87 -15.12 6.51
C GLY B 12 12.46 -14.64 6.24
N GLY B 13 11.47 -15.51 6.48
CA GLY B 13 10.06 -15.13 6.44
C GLY B 13 9.48 -15.20 5.08
N SER B 14 8.15 -15.20 4.96
CA SER B 14 7.57 -15.00 3.64
C SER B 14 7.25 -13.56 3.39
N PRO B 15 7.62 -13.11 2.18
CA PRO B 15 7.30 -11.82 1.66
C PRO B 15 5.82 -11.52 1.76
N PHE B 16 5.51 -10.23 2.03
CA PHE B 16 4.14 -9.82 2.08
C PHE B 16 4.13 -8.40 1.50
N SER B 17 2.98 -8.01 0.99
CA SER B 17 2.74 -6.70 0.45
C SER B 17 1.64 -6.04 1.29
N GLY B 18 1.74 -4.73 1.49
CA GLY B 18 0.70 -3.93 2.13
C GLY B 18 -0.55 -3.82 1.31
N LEU B 19 -0.43 -3.96 0.01
CA LEU B 19 -1.59 -3.96 -0.86
C LEU B 19 -2.15 -5.37 -0.93
N SER B 20 -3.17 -5.71 -0.14
CA SER B 20 -3.58 -7.11 -0.03
C SER B 20 -4.82 -7.44 -0.81
N SER B 21 -5.71 -6.47 -0.95
CA SER B 21 -6.98 -6.70 -1.70
C SER B 21 -7.54 -5.48 -2.45
N ILE B 22 -8.28 -5.73 -3.54
CA ILE B 22 -8.93 -4.72 -4.40
C ILE B 22 -10.35 -5.13 -4.82
N ALA B 23 -11.31 -4.22 -4.67
CA ALA B 23 -12.65 -4.29 -5.27
C ALA B 23 -12.93 -2.87 -5.82
N VAL B 24 -13.89 -2.75 -6.75
CA VAL B 24 -14.38 -1.47 -7.25
C VAL B 24 -15.92 -1.40 -7.22
N ARG B 25 -16.47 -0.18 -7.15
CA ARG B 25 -17.86 0.03 -7.59
C ARG B 25 -17.79 0.61 -9.02
N SER B 26 -18.59 0.10 -9.95
CA SER B 26 -18.50 0.57 -11.32
C SER B 26 -19.87 0.61 -12.02
N GLY B 27 -20.06 1.52 -12.96
CA GLY B 27 -21.18 1.47 -13.86
C GLY B 27 -20.58 1.92 -15.16
N SER B 28 -20.86 3.18 -15.55
CA SER B 28 -20.22 3.84 -16.71
C SER B 28 -18.76 4.18 -16.48
N TYR B 29 -18.46 4.39 -15.19
CA TYR B 29 -17.20 4.92 -14.75
C TYR B 29 -16.82 4.04 -13.56
N LEU B 30 -15.59 4.17 -13.07
CA LEU B 30 -15.31 3.65 -11.72
C LEU B 30 -15.89 4.60 -10.67
N ASP B 31 -16.98 4.21 -10.04
CA ASP B 31 -17.50 4.98 -8.91
C ASP B 31 -16.60 4.96 -7.66
N ALA B 32 -15.95 3.85 -7.39
CA ALA B 32 -15.13 3.76 -6.19
C ALA B 32 -14.08 2.69 -6.39
N ILE B 33 -12.97 2.78 -5.66
CA ILE B 33 -12.07 1.63 -5.58
C ILE B 33 -11.92 1.34 -4.09
N ILE B 34 -11.82 0.06 -3.73
CA ILE B 34 -11.78 -0.30 -2.32
C ILE B 34 -10.51 -1.05 -2.09
N ILE B 35 -9.61 -0.48 -1.27
CA ILE B 35 -8.25 -0.97 -1.15
C ILE B 35 -8.12 -1.51 0.23
N ASP B 36 -7.80 -2.77 0.34
CA ASP B 36 -7.81 -3.48 1.61
C ASP B 36 -9.09 -3.24 2.44
N GLY B 37 -10.26 -3.14 1.79
CA GLY B 37 -11.54 -3.02 2.48
C GLY B 37 -11.95 -1.55 2.61
N VAL B 38 -11.02 -0.63 2.38
CA VAL B 38 -11.30 0.81 2.62
C VAL B 38 -11.81 1.45 1.31
N HIS B 39 -12.94 2.13 1.40
CA HIS B 39 -13.67 2.74 0.30
C HIS B 39 -13.14 4.15 -0.08
N HIS B 40 -12.94 4.34 -1.35
CA HIS B 40 -12.54 5.61 -1.85
C HIS B 40 -13.41 5.95 -3.05
N GLY B 41 -14.36 6.89 -2.90
CA GLY B 41 -15.25 7.27 -3.99
C GLY B 41 -16.69 7.24 -3.52
N GLY B 42 -17.62 7.29 -4.46
CA GLY B 42 -19.00 7.54 -4.08
C GLY B 42 -19.73 6.24 -4.00
N SER B 43 -21.06 6.31 -3.98
CA SER B 43 -21.92 5.16 -3.71
C SER B 43 -22.52 4.50 -4.94
N GLY B 44 -22.30 5.08 -6.11
CA GLY B 44 -22.93 4.61 -7.36
C GLY B 44 -22.47 3.23 -7.82
N GLY B 45 -22.88 2.86 -9.03
CA GLY B 45 -22.47 1.62 -9.64
C GLY B 45 -22.73 0.37 -8.83
N ASN B 46 -22.09 -0.72 -9.26
CA ASN B 46 -22.22 -2.03 -8.62
C ASN B 46 -20.89 -2.51 -8.07
N LEU B 47 -20.98 -3.22 -6.96
CA LEU B 47 -19.79 -3.58 -6.27
C LEU B 47 -19.30 -4.88 -6.90
N SER B 48 -18.04 -4.87 -7.32
CA SER B 48 -17.35 -6.07 -7.83
C SER B 48 -17.05 -7.06 -6.71
N PRO B 49 -16.70 -8.32 -7.08
CA PRO B 49 -16.11 -9.16 -6.07
C PRO B 49 -14.71 -8.60 -5.73
N THR B 50 -14.21 -9.04 -4.57
CA THR B 50 -12.91 -8.69 -4.01
C THR B 50 -11.83 -9.66 -4.51
N PHE B 51 -10.78 -9.11 -5.11
CA PHE B 51 -9.61 -9.84 -5.51
C PHE B 51 -8.57 -9.73 -4.38
N THR B 52 -8.15 -10.85 -3.84
CA THR B 52 -7.12 -10.87 -2.79
C THR B 52 -5.86 -11.58 -3.34
N PHE B 53 -4.75 -10.87 -3.28
CA PHE B 53 -3.44 -11.35 -3.70
C PHE B 53 -2.97 -12.53 -2.85
N GLY B 54 -2.58 -13.63 -3.52
CA GLY B 54 -1.88 -14.68 -2.77
C GLY B 54 -0.48 -14.22 -2.44
N SER B 55 0.26 -15.08 -1.74
CA SER B 55 1.62 -14.77 -1.29
C SER B 55 2.66 -14.60 -2.46
N GLY B 56 3.37 -13.50 -2.51
CA GLY B 56 4.22 -13.23 -3.67
C GLY B 56 3.49 -12.92 -5.01
N GLU B 57 2.16 -12.79 -4.98
CA GLU B 57 1.36 -12.37 -6.17
C GLU B 57 1.22 -10.84 -6.26
N TYR B 58 1.39 -10.26 -7.46
CA TYR B 58 1.31 -8.83 -7.64
C TYR B 58 0.81 -8.52 -9.05
N ILE B 59 0.39 -7.29 -9.28
CA ILE B 59 -0.06 -6.85 -10.61
C ILE B 59 1.12 -6.66 -11.55
N SER B 60 1.13 -7.37 -12.69
CA SER B 60 2.22 -7.23 -13.65
C SER B 60 1.82 -6.53 -14.91
N ASN B 61 0.54 -6.47 -15.17
CA ASN B 61 -0.05 -5.83 -16.37
C ASN B 61 -1.36 -5.16 -15.99
N MET B 62 -1.64 -3.99 -16.56
CA MET B 62 -2.86 -3.19 -16.13
C MET B 62 -3.33 -2.32 -17.29
N THR B 63 -4.61 -2.37 -17.62
CA THR B 63 -5.20 -1.42 -18.57
C THR B 63 -6.19 -0.57 -17.84
N ILE B 64 -5.96 0.72 -17.91
CA ILE B 64 -6.88 1.68 -17.32
C ILE B 64 -7.34 2.59 -18.45
N ARG B 65 -8.65 2.73 -18.65
CA ARG B 65 -9.26 3.76 -19.56
C ARG B 65 -9.60 4.97 -18.69
N SER B 66 -9.24 6.15 -19.13
CA SER B 66 -9.51 7.32 -18.32
C SER B 66 -9.70 8.56 -19.21
N GLY B 67 -10.40 9.54 -18.66
CA GLY B 67 -10.58 10.89 -19.21
C GLY B 67 -10.51 11.85 -18.03
N ASP B 68 -11.57 12.57 -17.69
CA ASP B 68 -11.63 13.34 -16.43
C ASP B 68 -11.68 12.41 -15.20
N TYR B 69 -12.22 11.21 -15.38
CA TYR B 69 -12.31 10.19 -14.35
C TYR B 69 -11.64 8.90 -14.79
N ILE B 70 -11.58 7.92 -13.89
CA ILE B 70 -11.28 6.52 -14.31
C ILE B 70 -12.55 5.83 -14.91
N ASP B 71 -12.52 5.57 -16.23
CA ASP B 71 -13.62 4.86 -16.90
C ASP B 71 -13.65 3.33 -16.69
N ASN B 72 -12.47 2.73 -16.60
CA ASN B 72 -12.39 1.25 -16.65
C ASN B 72 -11.03 0.82 -16.10
N ILE B 73 -11.02 -0.30 -15.36
CA ILE B 73 -9.79 -0.92 -14.92
C ILE B 73 -9.85 -2.43 -15.21
N SER B 74 -8.73 -2.96 -15.68
CA SER B 74 -8.51 -4.40 -15.58
C SER B 74 -7.03 -4.66 -15.28
N PHE B 75 -6.72 -5.86 -14.78
CA PHE B 75 -5.33 -6.17 -14.50
C PHE B 75 -5.09 -7.67 -14.54
N GLU B 76 -3.84 -8.04 -14.75
CA GLU B 76 -3.40 -9.40 -14.65
C GLU B 76 -2.23 -9.45 -13.67
N THR B 77 -2.09 -10.52 -12.92
CA THR B 77 -1.03 -10.66 -11.95
C THR B 77 0.09 -11.55 -12.51
N ASN B 78 1.24 -11.65 -11.79
CA ASN B 78 2.38 -12.49 -12.31
C ASN B 78 2.02 -13.97 -12.30
N MET B 79 0.91 -14.27 -11.64
CA MET B 79 0.44 -15.62 -11.47
C MET B 79 -0.59 -15.98 -12.52
N GLY B 80 -0.88 -15.07 -13.44
CA GLY B 80 -1.89 -15.26 -14.51
C GLY B 80 -3.38 -14.98 -14.19
N ARG B 81 -3.67 -14.47 -13.00
CA ARG B 81 -5.05 -14.19 -12.61
C ARG B 81 -5.46 -12.81 -13.09
N ARG B 82 -6.73 -12.67 -13.49
CA ARG B 82 -7.27 -11.47 -14.13
C ARG B 82 -8.32 -10.86 -13.24
N PHE B 83 -8.35 -9.54 -13.16
CA PHE B 83 -9.41 -8.81 -12.47
C PHE B 83 -9.96 -7.85 -13.53
N GLY B 84 -11.28 -7.88 -13.69
CA GLY B 84 -11.96 -6.93 -14.59
C GLY B 84 -11.98 -7.48 -16.00
N PRO B 85 -12.25 -6.63 -17.00
CA PRO B 85 -12.48 -5.17 -16.91
C PRO B 85 -13.77 -4.76 -16.16
N TYR B 86 -13.74 -3.61 -15.48
CA TYR B 86 -14.90 -3.10 -14.76
C TYR B 86 -15.00 -1.63 -15.13
N GLY B 87 -16.21 -1.19 -15.47
CA GLY B 87 -16.47 0.19 -15.80
C GLY B 87 -17.03 0.28 -17.21
N GLY B 88 -16.84 1.40 -17.89
CA GLY B 88 -17.48 1.54 -19.20
C GLY B 88 -16.48 1.72 -20.32
N SER B 89 -16.98 2.26 -21.43
CA SER B 89 -16.28 2.39 -22.67
C SER B 89 -15.58 3.71 -22.96
N GLY B 90 -15.83 4.71 -22.14
CA GLY B 90 -15.25 6.02 -22.37
C GLY B 90 -13.77 6.16 -22.18
N GLY B 91 -13.28 7.38 -22.33
CA GLY B 91 -11.90 7.68 -22.06
C GLY B 91 -10.99 7.05 -23.07
N SER B 92 -9.71 6.98 -22.73
CA SER B 92 -8.67 6.48 -23.59
C SER B 92 -7.91 5.45 -22.77
N ALA B 93 -7.49 4.40 -23.44
CA ALA B 93 -6.75 3.33 -22.79
C ALA B 93 -5.27 3.65 -22.64
N ASN B 94 -4.72 3.27 -21.50
CA ASN B 94 -3.27 3.21 -21.32
C ASN B 94 -2.99 1.87 -20.63
N THR B 95 -1.82 1.30 -20.87
CA THR B 95 -1.49 0.01 -20.29
C THR B 95 -0.17 0.15 -19.54
N LEU B 96 -0.08 -0.42 -18.35
CA LEU B 96 1.25 -0.77 -17.82
C LEU B 96 1.52 -2.27 -18.17
N SER B 97 2.69 -2.57 -18.72
CA SER B 97 3.05 -3.97 -19.09
C SER B 97 4.41 -4.36 -18.49
N ASN B 98 4.53 -5.57 -17.90
CA ASN B 98 5.79 -6.08 -17.32
C ASN B 98 6.28 -5.21 -16.16
N VAL B 99 5.37 -5.01 -15.21
CA VAL B 99 5.63 -4.15 -14.08
C VAL B 99 5.40 -4.95 -12.82
N LYS B 100 5.57 -4.33 -11.67
CA LYS B 100 5.13 -4.89 -10.41
C LYS B 100 4.58 -3.69 -9.67
N VAL B 101 3.27 -3.67 -9.44
CA VAL B 101 2.62 -2.52 -8.83
C VAL B 101 2.87 -2.68 -7.33
N ILE B 102 3.21 -1.57 -6.71
CA ILE B 102 3.65 -1.58 -5.33
C ILE B 102 2.51 -0.96 -4.55
N GLN B 103 1.96 0.13 -5.05
CA GLN B 103 0.93 0.86 -4.32
C GLN B 103 -0.08 1.50 -5.29
N ILE B 104 -1.33 1.65 -4.80
CA ILE B 104 -2.41 2.37 -5.55
C ILE B 104 -2.97 3.49 -4.63
N ASN B 105 -2.54 4.73 -4.89
CA ASN B 105 -3.12 5.96 -4.41
C ASN B 105 -4.07 6.57 -5.48
N GLY B 106 -4.74 7.68 -5.16
CA GLY B 106 -5.57 8.39 -6.17
C GLY B 106 -6.33 9.56 -5.55
N SER B 107 -7.34 10.05 -6.25
CA SER B 107 -8.26 11.11 -5.78
C SER B 107 -9.63 10.64 -6.17
N ALA B 108 -10.62 10.95 -5.35
CA ALA B 108 -12.00 10.45 -5.52
C ALA B 108 -12.98 11.52 -4.99
N GLY B 109 -14.11 11.67 -5.65
CA GLY B 109 -15.22 12.50 -5.13
C GLY B 109 -16.45 11.62 -5.13
N ASP B 110 -17.49 12.04 -5.89
CA ASP B 110 -18.57 11.09 -6.32
C ASP B 110 -18.07 9.87 -7.12
N TYR B 111 -16.94 10.03 -7.83
CA TYR B 111 -16.37 8.97 -8.64
C TYR B 111 -14.89 8.87 -8.40
N LEU B 112 -14.28 7.85 -9.01
CA LEU B 112 -12.83 7.73 -9.01
C LEU B 112 -12.26 8.65 -10.08
N ASP B 113 -11.87 9.84 -9.63
CA ASP B 113 -11.24 10.84 -10.49
C ASP B 113 -9.91 10.41 -11.06
N SER B 114 -9.04 9.85 -10.22
CA SER B 114 -7.67 9.52 -10.66
C SER B 114 -7.01 8.43 -9.86
N LEU B 115 -6.09 7.72 -10.53
CA LEU B 115 -5.28 6.68 -9.91
C LEU B 115 -3.84 7.16 -10.02
N ASP B 116 -3.09 6.98 -8.95
CA ASP B 116 -1.65 7.21 -8.95
C ASP B 116 -1.04 5.88 -8.62
N ILE B 117 -0.50 5.23 -9.62
CA ILE B 117 0.01 3.88 -9.49
C ILE B 117 1.54 3.96 -9.29
N TYR B 118 2.06 3.39 -8.17
CA TYR B 118 3.50 3.28 -7.93
C TYR B 118 3.90 1.85 -8.29
N TYR B 119 4.90 1.70 -9.12
CA TYR B 119 5.26 0.38 -9.61
C TYR B 119 6.74 0.38 -10.00
N GLU B 120 7.25 -0.83 -10.20
CA GLU B 120 8.59 -1.06 -10.76
C GLU B 120 8.42 -1.47 -12.23
N GLN B 121 9.17 -0.88 -13.14
CA GLN B 121 9.08 -1.22 -14.56
C GLN B 121 10.18 -2.20 -14.97
N TYR B 122 9.81 -3.33 -15.57
CA TYR B 122 10.82 -4.28 -16.02
C TYR B 122 11.02 -4.39 -17.53
#